data_8WPS
#
_entry.id   8WPS
#
_cell.length_a   61.081
_cell.length_b   61.081
_cell.length_c   173.130
_cell.angle_alpha   90.00
_cell.angle_beta   90.00
_cell.angle_gamma   120.00
#
_symmetry.space_group_name_H-M   'P 31 2 1'
#
loop_
_entity.id
_entity.type
_entity.pdbx_description
1 polymer McyI
2 non-polymer '(2S)-2-hydroxybutanedioic acid'
3 non-polymer NICOTINAMIDE-ADENINE-DINUCLEOTIDE
4 water water
#
_entity_poly.entity_id   1
_entity_poly.type   'polypeptide(L)'
_entity_poly.pdbx_seq_one_letter_code
;MGSSHHHHHHSSGLVPRGSHMTIIYPPKNFPSKTKNHKVLLIGKMYDEIGEKLLAEYTNVEIIKEPKQHQIHEAIQDVSG
VFVRYPTKLDAQAIGLAKNLKVISTSGFGTDAIDIAAATKRGIVVVNNPGLSTTAVTEHTLSMILALAKKLTFLNQCVKA
GNYLIRNQVQPIQLEGKTLGIVGLGMIGSAVAKICSTALQMRVLAYDPYVPSGKADTVRATLVQDLDYLLTESDFVSLHP
ELTDETCEMFDLEAFKKMKPSAFLINTSRGKVVRQPDLVTAIREKLIAGAAIDVFEPEPPAINNPLYEFDNVIFSPHLAG
VTPEAGMAAALSAANQILQVLQGEKPPYIINPKVWNS
;
_entity_poly.pdbx_strand_id   A
#
loop_
_chem_comp.id
_chem_comp.type
_chem_comp.name
_chem_comp.formula
LMR non-polymer '(2S)-2-hydroxybutanedioic acid' 'C4 H6 O5'
NAD non-polymer NICOTINAMIDE-ADENINE-DINUCLEOTIDE 'C21 H27 N7 O14 P2'
#
# COMPACT_ATOMS: atom_id res chain seq x y z
N ASN A 36 2.96 -7.20 -34.52
CA ASN A 36 1.68 -7.84 -34.82
C ASN A 36 0.82 -8.00 -33.55
N HIS A 37 1.47 -8.06 -32.39
CA HIS A 37 0.76 -8.15 -31.13
C HIS A 37 0.22 -6.79 -30.71
N LYS A 38 -1.00 -6.78 -30.18
CA LYS A 38 -1.60 -5.57 -29.63
C LYS A 38 -1.70 -5.68 -28.10
N VAL A 39 -1.52 -4.54 -27.43
CA VAL A 39 -1.52 -4.48 -25.96
C VAL A 39 -2.43 -3.34 -25.53
N LEU A 40 -3.25 -3.60 -24.51
CA LEU A 40 -4.15 -2.59 -23.95
C LEU A 40 -3.72 -2.21 -22.55
N LEU A 41 -3.56 -0.90 -22.31
CA LEU A 41 -3.29 -0.36 -20.99
C LEU A 41 -4.58 0.22 -20.44
N ILE A 42 -5.15 -0.43 -19.44
CA ILE A 42 -6.38 0.03 -18.80
C ILE A 42 -5.95 0.96 -17.68
N GLY A 43 -5.77 2.22 -18.03
CA GLY A 43 -5.10 3.18 -17.17
C GLY A 43 -3.65 3.34 -17.58
N LYS A 44 -3.11 4.53 -17.35
CA LYS A 44 -1.71 4.76 -17.69
C LYS A 44 -0.80 4.04 -16.71
N MET A 45 0.40 3.71 -17.16
CA MET A 45 1.40 3.26 -16.20
C MET A 45 1.81 4.42 -15.30
N TYR A 46 2.57 4.11 -14.26
CA TYR A 46 3.03 5.14 -13.34
C TYR A 46 4.19 5.94 -13.88
N ASP A 47 4.73 5.57 -15.04
CA ASP A 47 5.76 6.33 -15.74
C ASP A 47 5.72 5.91 -17.19
N GLU A 48 5.88 6.87 -18.09
CA GLU A 48 5.70 6.58 -19.50
C GLU A 48 6.79 5.71 -20.10
N ILE A 49 7.89 5.46 -19.39
CA ILE A 49 8.95 4.66 -19.98
C ILE A 49 8.46 3.26 -20.30
N GLY A 50 7.52 2.72 -19.50
CA GLY A 50 7.01 1.38 -19.77
C GLY A 50 6.10 1.34 -20.98
N GLU A 51 5.38 2.44 -21.22
CA GLU A 51 4.56 2.54 -22.42
C GLU A 51 5.42 2.64 -23.67
N LYS A 52 6.54 3.36 -23.59
CA LYS A 52 7.42 3.47 -24.76
C LYS A 52 8.11 2.14 -25.04
N LEU A 53 8.51 1.41 -23.99
CA LEU A 53 9.12 0.10 -24.18
C LEU A 53 8.16 -0.85 -24.88
N LEU A 54 6.89 -0.85 -24.47
CA LEU A 54 5.88 -1.68 -25.12
C LEU A 54 5.64 -1.25 -26.56
N ALA A 55 5.59 0.06 -26.83
CA ALA A 55 5.27 0.54 -28.17
C ALA A 55 6.36 0.20 -29.18
N GLU A 56 7.58 -0.05 -28.73
CA GLU A 56 8.66 -0.45 -29.63
C GLU A 56 8.47 -1.86 -30.16
N TYR A 57 7.76 -2.72 -29.44
CA TYR A 57 7.59 -4.11 -29.84
C TYR A 57 6.15 -4.51 -30.12
N THR A 58 5.16 -3.71 -29.73
CA THR A 58 3.75 -4.05 -29.93
C THR A 58 2.96 -2.80 -30.25
N ASN A 59 1.70 -3.00 -30.63
CA ASN A 59 0.77 -1.90 -30.89
CA ASN A 59 0.77 -1.90 -30.89
C ASN A 59 -0.02 -1.61 -29.62
N VAL A 60 0.25 -0.45 -29.01
CA VAL A 60 -0.27 -0.10 -27.69
C VAL A 60 -1.46 0.83 -27.83
N GLU A 61 -2.55 0.54 -27.08
CA GLU A 61 -3.64 1.48 -26.86
C GLU A 61 -3.80 1.74 -25.38
N ILE A 62 -4.00 3.01 -25.01
CA ILE A 62 -4.18 3.42 -23.61
C ILE A 62 -5.57 4.01 -23.46
N ILE A 63 -6.32 3.51 -22.48
CA ILE A 63 -7.62 4.08 -22.12
C ILE A 63 -7.56 4.49 -20.65
N LYS A 64 -7.99 5.73 -20.36
CA LYS A 64 -7.92 6.29 -19.02
C LYS A 64 -9.32 6.37 -18.40
N GLU A 65 -9.41 6.01 -17.11
CA GLU A 65 -10.63 5.88 -16.34
C GLU A 65 -11.79 5.42 -17.22
N PRO A 66 -11.66 4.27 -17.89
CA PRO A 66 -12.62 3.90 -18.93
C PRO A 66 -13.93 3.41 -18.38
N LYS A 67 -14.97 3.65 -19.18
CA LYS A 67 -16.25 2.99 -18.95
C LYS A 67 -16.16 1.53 -19.39
N GLN A 68 -17.09 0.73 -18.88
CA GLN A 68 -17.03 -0.70 -19.15
C GLN A 68 -17.10 -1.00 -20.64
N HIS A 69 -17.90 -0.25 -21.39
CA HIS A 69 -18.03 -0.55 -22.82
C HIS A 69 -16.72 -0.28 -23.57
N GLN A 70 -15.90 0.67 -23.10
CA GLN A 70 -14.62 0.92 -23.76
C GLN A 70 -13.66 -0.23 -23.53
N ILE A 71 -13.62 -0.76 -22.30
CA ILE A 71 -12.81 -1.95 -22.04
C ILE A 71 -13.22 -3.08 -22.97
N HIS A 72 -14.52 -3.29 -23.09
CA HIS A 72 -15.03 -4.41 -23.90
C HIS A 72 -14.61 -4.28 -25.36
N GLU A 73 -14.66 -3.07 -25.91
CA GLU A 73 -14.30 -2.90 -27.31
C GLU A 73 -12.79 -2.99 -27.50
N ALA A 74 -12.00 -2.43 -26.59
CA ALA A 74 -10.57 -2.35 -26.80
C ALA A 74 -9.86 -3.66 -26.48
N ILE A 75 -10.46 -4.56 -25.70
CA ILE A 75 -9.77 -5.77 -25.25
C ILE A 75 -9.96 -6.95 -26.19
N GLN A 76 -10.82 -6.81 -27.22
CA GLN A 76 -11.28 -7.96 -27.99
C GLN A 76 -10.14 -8.72 -28.65
N ASP A 77 -9.12 -8.01 -29.16
CA ASP A 77 -8.08 -8.66 -29.95
C ASP A 77 -6.68 -8.48 -29.37
N VAL A 78 -6.54 -7.97 -28.14
CA VAL A 78 -5.21 -7.69 -27.62
C VAL A 78 -4.59 -8.96 -27.06
N SER A 79 -3.26 -9.03 -27.11
CA SER A 79 -2.56 -10.18 -26.58
C SER A 79 -2.12 -9.98 -25.13
N GLY A 80 -1.95 -8.73 -24.71
CA GLY A 80 -1.55 -8.43 -23.35
C GLY A 80 -2.39 -7.28 -22.81
N VAL A 81 -2.59 -7.27 -21.49
CA VAL A 81 -3.34 -6.23 -20.81
C VAL A 81 -2.57 -5.77 -19.58
N PHE A 82 -2.50 -4.46 -19.40
CA PHE A 82 -1.97 -3.83 -18.19
C PHE A 82 -3.13 -3.16 -17.45
N VAL A 83 -3.18 -3.30 -16.13
CA VAL A 83 -4.29 -2.76 -15.35
C VAL A 83 -3.74 -1.84 -14.27
N ARG A 84 -4.09 -0.56 -14.35
CA ARG A 84 -3.72 0.43 -13.34
C ARG A 84 -4.54 0.24 -12.06
N TYR A 85 -3.87 -0.04 -10.95
CA TYR A 85 -4.55 -0.22 -9.67
C TYR A 85 -5.34 1.05 -9.31
N PRO A 86 -6.54 0.91 -8.69
CA PRO A 86 -7.29 -0.30 -8.33
C PRO A 86 -8.39 -0.67 -9.31
N THR A 87 -8.20 -0.39 -10.60
CA THR A 87 -9.23 -0.71 -11.60
C THR A 87 -9.47 -2.21 -11.67
N LYS A 88 -10.73 -2.60 -11.80
CA LYS A 88 -11.09 -4.01 -11.81
C LYS A 88 -11.14 -4.54 -13.24
N LEU A 89 -10.69 -5.78 -13.41
CA LEU A 89 -10.76 -6.52 -14.67
C LEU A 89 -11.63 -7.73 -14.42
N ASP A 90 -12.84 -7.76 -14.99
CA ASP A 90 -13.78 -8.80 -14.58
C ASP A 90 -13.87 -9.96 -15.59
N ALA A 91 -14.69 -10.94 -15.22
CA ALA A 91 -14.86 -12.14 -16.04
C ALA A 91 -15.43 -11.82 -17.41
N GLN A 92 -16.36 -10.86 -17.48
CA GLN A 92 -16.93 -10.49 -18.78
C GLN A 92 -15.85 -10.02 -19.73
N ALA A 93 -15.00 -9.08 -19.28
CA ALA A 93 -13.97 -8.53 -20.16
C ALA A 93 -12.95 -9.59 -20.54
N ILE A 94 -12.54 -10.41 -19.58
CA ILE A 94 -11.63 -11.50 -19.87
C ILE A 94 -12.25 -12.45 -20.89
N GLY A 95 -13.54 -12.75 -20.73
CA GLY A 95 -14.20 -13.64 -21.67
C GLY A 95 -14.27 -13.08 -23.09
N LEU A 96 -14.32 -11.75 -23.22
CA LEU A 96 -14.34 -11.11 -24.53
C LEU A 96 -12.96 -11.04 -25.17
N ALA A 97 -11.89 -11.21 -24.40
CA ALA A 97 -10.52 -10.99 -24.85
C ALA A 97 -10.03 -12.29 -25.49
N LYS A 98 -10.37 -12.45 -26.77
CA LYS A 98 -10.18 -13.73 -27.44
C LYS A 98 -8.72 -14.10 -27.61
N ASN A 99 -7.83 -13.11 -27.73
CA ASN A 99 -6.42 -13.35 -27.98
C ASN A 99 -5.53 -13.16 -26.75
N LEU A 100 -6.11 -12.93 -25.57
CA LEU A 100 -5.34 -12.47 -24.42
C LEU A 100 -4.45 -13.57 -23.86
N LYS A 101 -3.17 -13.25 -23.63
CA LYS A 101 -2.23 -14.21 -23.07
C LYS A 101 -1.64 -13.81 -21.73
N VAL A 102 -1.55 -12.51 -21.43
CA VAL A 102 -0.95 -12.04 -20.18
C VAL A 102 -1.70 -10.81 -19.67
N ILE A 103 -1.93 -10.77 -18.35
CA ILE A 103 -2.47 -9.63 -17.64
C ILE A 103 -1.43 -9.23 -16.61
N SER A 104 -1.05 -7.96 -16.58
CA SER A 104 -0.14 -7.43 -15.57
C SER A 104 -0.83 -6.34 -14.76
N THR A 105 -0.76 -6.43 -13.44
CA THR A 105 -1.19 -5.33 -12.59
C THR A 105 -0.09 -4.27 -12.55
N SER A 106 -0.41 -3.13 -11.95
CA SER A 106 0.57 -2.05 -11.86
C SER A 106 1.54 -2.21 -10.70
N GLY A 107 1.13 -2.92 -9.66
CA GLY A 107 1.93 -3.06 -8.44
C GLY A 107 1.71 -4.42 -7.84
N PHE A 108 1.69 -4.49 -6.50
CA PHE A 108 1.56 -5.79 -5.84
C PHE A 108 0.14 -6.35 -5.93
N GLY A 109 -0.87 -5.51 -5.70
CA GLY A 109 -2.20 -6.03 -5.43
C GLY A 109 -2.87 -6.57 -6.66
N THR A 110 -3.48 -7.75 -6.52
CA THR A 110 -4.20 -8.41 -7.60
C THR A 110 -5.66 -8.65 -7.25
N ASP A 111 -6.13 -8.12 -6.11
CA ASP A 111 -7.50 -8.33 -5.65
C ASP A 111 -8.54 -7.79 -6.62
N ALA A 112 -8.17 -6.86 -7.50
CA ALA A 112 -9.14 -6.32 -8.44
C ALA A 112 -9.22 -7.10 -9.75
N ILE A 113 -8.40 -8.13 -9.91
CA ILE A 113 -8.42 -8.98 -11.10
C ILE A 113 -9.19 -10.25 -10.80
N ASP A 114 -10.03 -10.67 -11.75
CA ASP A 114 -10.68 -11.98 -11.61
C ASP A 114 -9.66 -13.01 -12.08
N ILE A 115 -8.80 -13.40 -11.15
CA ILE A 115 -7.75 -14.37 -11.45
C ILE A 115 -8.34 -15.73 -11.79
N ALA A 116 -9.43 -16.11 -11.11
CA ALA A 116 -10.06 -17.40 -11.39
C ALA A 116 -10.44 -17.51 -12.85
N ALA A 117 -11.08 -16.46 -13.39
CA ALA A 117 -11.46 -16.46 -14.79
C ALA A 117 -10.26 -16.47 -15.71
N ALA A 118 -9.20 -15.74 -15.36
CA ALA A 118 -7.99 -15.78 -16.18
C ALA A 118 -7.36 -17.17 -16.16
N THR A 119 -7.27 -17.77 -14.99
CA THR A 119 -6.68 -19.10 -14.87
C THR A 119 -7.46 -20.11 -15.70
N LYS A 120 -8.81 -20.03 -15.68
CA LYS A 120 -9.63 -20.95 -16.45
C LYS A 120 -9.25 -20.92 -17.93
N ARG A 121 -8.90 -19.75 -18.45
CA ARG A 121 -8.58 -19.58 -19.86
C ARG A 121 -7.10 -19.73 -20.15
N GLY A 122 -6.31 -20.13 -19.16
CA GLY A 122 -4.88 -20.29 -19.33
C GLY A 122 -4.13 -19.00 -19.48
N ILE A 123 -4.69 -17.89 -19.01
CA ILE A 123 -4.07 -16.57 -19.16
C ILE A 123 -3.14 -16.33 -17.99
N VAL A 124 -1.93 -15.88 -18.27
CA VAL A 124 -0.94 -15.61 -17.25
C VAL A 124 -1.27 -14.30 -16.56
N VAL A 125 -1.31 -14.32 -15.23
CA VAL A 125 -1.46 -13.09 -14.45
C VAL A 125 -0.14 -12.83 -13.72
N VAL A 126 0.32 -11.59 -13.81
CA VAL A 126 1.62 -11.18 -13.29
C VAL A 126 1.40 -9.93 -12.45
N ASN A 127 2.07 -9.83 -11.30
CA ASN A 127 2.12 -8.57 -10.57
C ASN A 127 3.55 -8.02 -10.59
N ASN A 128 3.76 -6.91 -9.92
CA ASN A 128 5.05 -6.20 -9.94
C ASN A 128 5.35 -5.75 -8.52
N PRO A 129 5.89 -6.65 -7.69
CA PRO A 129 6.00 -6.38 -6.26
C PRO A 129 7.40 -5.95 -5.85
N GLY A 130 7.52 -5.39 -4.65
CA GLY A 130 8.82 -5.13 -4.07
C GLY A 130 9.65 -4.07 -4.71
N LEU A 131 9.06 -3.20 -5.54
CA LEU A 131 9.83 -2.19 -6.26
C LEU A 131 9.71 -0.80 -5.64
N SER A 132 9.11 -0.66 -4.46
CA SER A 132 8.83 0.66 -3.92
C SER A 132 9.21 0.77 -2.44
N THR A 133 10.25 0.03 -2.01
CA THR A 133 10.62 0.02 -0.60
C THR A 133 10.97 1.42 -0.10
N THR A 134 11.81 2.13 -0.85
CA THR A 134 12.22 3.46 -0.42
C THR A 134 11.05 4.42 -0.37
N ALA A 135 10.19 4.39 -1.40
CA ALA A 135 9.01 5.26 -1.44
C ALA A 135 8.12 5.08 -0.22
N VAL A 136 7.79 3.83 0.13
CA VAL A 136 6.90 3.60 1.25
C VAL A 136 7.59 3.93 2.58
N THR A 137 8.90 3.66 2.66
CA THR A 137 9.63 4.01 3.88
C THR A 137 9.56 5.51 4.13
N GLU A 138 9.84 6.31 3.11
CA GLU A 138 9.75 7.77 3.26
C GLU A 138 8.34 8.20 3.60
N HIS A 139 7.34 7.64 2.91
CA HIS A 139 5.95 8.00 3.18
C HIS A 139 5.59 7.69 4.63
N THR A 140 6.02 6.53 5.12
CA THR A 140 5.74 6.16 6.49
C THR A 140 6.33 7.18 7.45
N LEU A 141 7.59 7.55 7.22
CA LEU A 141 8.24 8.55 8.06
C LEU A 141 7.47 9.86 8.02
N SER A 142 7.07 10.28 6.82
CA SER A 142 6.31 11.52 6.70
C SER A 142 5.07 11.48 7.56
N MET A 143 4.39 10.33 7.60
CA MET A 143 3.14 10.24 8.34
CA MET A 143 3.14 10.21 8.35
C MET A 143 3.38 10.19 9.84
N ILE A 144 4.41 9.46 10.29
CA ILE A 144 4.75 9.45 11.70
C ILE A 144 5.07 10.86 12.18
N LEU A 145 5.89 11.57 11.42
CA LEU A 145 6.28 12.93 11.80
C LEU A 145 5.08 13.86 11.75
N ALA A 146 4.21 13.71 10.74
CA ALA A 146 3.06 14.61 10.63
C ALA A 146 2.12 14.45 11.80
N LEU A 147 1.94 13.21 12.28
CA LEU A 147 1.10 12.99 13.45
C LEU A 147 1.75 13.56 14.71
N ALA A 148 3.05 13.28 14.90
CA ALA A 148 3.77 13.78 16.07
C ALA A 148 3.78 15.31 16.12
N LYS A 149 3.97 15.96 14.98
CA LYS A 149 4.02 17.41 14.96
C LYS A 149 2.65 18.05 14.76
N LYS A 150 1.59 17.25 14.72
CA LYS A 150 0.21 17.78 14.62
C LYS A 150 0.07 18.70 13.42
N LEU A 151 0.62 18.26 12.29
CA LEU A 151 0.82 19.14 11.14
C LEU A 151 -0.49 19.70 10.60
N THR A 152 -1.43 18.82 10.24
CA THR A 152 -2.64 19.30 9.58
C THR A 152 -3.48 20.17 10.51
N PHE A 153 -3.53 19.80 11.78
CA PHE A 153 -4.32 20.58 12.74
C PHE A 153 -3.72 21.97 12.95
N LEU A 154 -2.41 22.04 13.19
CA LEU A 154 -1.79 23.34 13.42
C LEU A 154 -1.84 24.21 12.18
N ASN A 155 -1.74 23.61 11.00
CA ASN A 155 -1.88 24.36 9.76
C ASN A 155 -3.26 24.99 9.66
N GLN A 156 -4.30 24.21 9.95
CA GLN A 156 -5.65 24.77 9.91
C GLN A 156 -5.83 25.86 10.95
N CYS A 157 -5.25 25.69 12.13
CA CYS A 157 -5.39 26.71 13.17
C CYS A 157 -4.77 28.03 12.75
N VAL A 158 -3.57 27.98 12.18
CA VAL A 158 -2.92 29.23 11.77
C VAL A 158 -3.75 29.92 10.69
N LYS A 159 -4.13 29.16 9.66
CA LYS A 159 -4.88 29.75 8.55
C LYS A 159 -6.24 30.29 8.99
N ALA A 160 -6.78 29.78 10.10
CA ALA A 160 -8.02 30.30 10.65
C ALA A 160 -7.81 31.49 11.57
N GLY A 161 -6.59 31.99 11.71
CA GLY A 161 -6.32 33.09 12.61
C GLY A 161 -6.06 32.70 14.04
N ASN A 162 -5.86 31.42 14.33
CA ASN A 162 -5.74 30.92 15.68
C ASN A 162 -4.29 30.51 15.99
N TYR A 163 -3.36 31.43 15.75
CA TYR A 163 -1.96 31.21 16.13
C TYR A 163 -1.85 30.93 17.63
N LEU A 164 -2.77 31.45 18.43
CA LEU A 164 -2.73 31.25 19.89
C LEU A 164 -3.07 29.83 20.30
N ILE A 165 -3.39 28.95 19.36
CA ILE A 165 -3.48 27.53 19.66
C ILE A 165 -2.19 27.01 20.28
N ARG A 166 -1.06 27.69 20.04
CA ARG A 166 0.21 27.29 20.62
C ARG A 166 0.21 27.40 22.14
N ASN A 167 -0.81 28.00 22.74
CA ASN A 167 -0.95 27.98 24.19
C ASN A 167 -1.66 26.73 24.69
N GLN A 168 -2.21 25.92 23.79
CA GLN A 168 -2.98 24.75 24.17
C GLN A 168 -2.43 23.43 23.68
N VAL A 169 -1.75 23.41 22.53
CA VAL A 169 -1.23 22.15 21.99
C VAL A 169 0.24 22.31 21.69
N GLN A 170 0.98 21.21 21.89
CA GLN A 170 2.41 21.16 21.65
C GLN A 170 2.74 19.96 20.78
N PRO A 171 3.78 20.06 19.95
CA PRO A 171 4.22 18.88 19.19
C PRO A 171 4.84 17.85 20.11
N ILE A 172 4.97 16.65 19.58
CA ILE A 172 5.62 15.53 20.26
C ILE A 172 7.05 15.44 19.78
N GLN A 173 7.99 15.23 20.69
CA GLN A 173 9.37 14.97 20.33
C GLN A 173 9.55 13.46 20.13
N LEU A 174 10.03 13.06 18.95
CA LEU A 174 10.08 11.63 18.65
C LEU A 174 11.20 10.93 19.42
N GLU A 175 12.31 11.63 19.66
CA GLU A 175 13.42 11.03 20.36
C GLU A 175 12.96 10.39 21.67
N GLY A 176 13.34 9.12 21.86
CA GLY A 176 13.01 8.40 23.08
C GLY A 176 11.62 7.79 23.12
N LYS A 177 10.72 8.17 22.22
CA LYS A 177 9.42 7.51 22.18
C LYS A 177 9.58 6.13 21.55
N THR A 178 8.57 5.28 21.76
CA THR A 178 8.60 3.90 21.27
C THR A 178 7.77 3.78 19.99
N LEU A 179 8.40 3.26 18.94
CA LEU A 179 7.74 2.92 17.69
C LEU A 179 7.55 1.41 17.65
N GLY A 180 6.31 0.97 17.43
CA GLY A 180 6.01 -0.44 17.29
C GLY A 180 5.77 -0.76 15.83
N ILE A 181 6.61 -1.62 15.28
CA ILE A 181 6.50 -2.01 13.89
C ILE A 181 5.90 -3.42 13.84
N VAL A 182 4.82 -3.55 13.08
CA VAL A 182 4.18 -4.85 12.86
C VAL A 182 4.58 -5.31 11.46
N GLY A 183 5.44 -6.34 11.39
CA GLY A 183 5.96 -6.81 10.11
C GLY A 183 7.35 -6.26 9.84
N LEU A 184 8.38 -7.06 10.11
CA LEU A 184 9.76 -6.63 9.94
C LEU A 184 10.32 -7.15 8.61
N GLY A 185 9.66 -6.76 7.54
CA GLY A 185 10.06 -7.11 6.19
C GLY A 185 10.92 -6.02 5.59
N MET A 186 10.81 -5.88 4.26
CA MET A 186 11.65 -4.90 3.57
CA MET A 186 11.65 -4.90 3.56
C MET A 186 11.34 -3.49 4.02
N ILE A 187 10.06 -3.14 4.11
CA ILE A 187 9.70 -1.78 4.49
C ILE A 187 9.76 -1.60 6.00
N GLY A 188 9.22 -2.56 6.75
CA GLY A 188 9.34 -2.53 8.20
C GLY A 188 10.76 -2.37 8.69
N SER A 189 11.71 -3.12 8.09
CA SER A 189 13.11 -2.98 8.50
C SER A 189 13.66 -1.61 8.14
N ALA A 190 13.35 -1.10 6.95
CA ALA A 190 13.88 0.20 6.54
C ALA A 190 13.37 1.32 7.43
N VAL A 191 12.07 1.28 7.76
CA VAL A 191 11.50 2.27 8.67
C VAL A 191 12.11 2.15 10.05
N ALA A 192 12.23 0.90 10.55
CA ALA A 192 12.83 0.69 11.87
C ALA A 192 14.22 1.31 11.93
N LYS A 193 15.01 1.07 10.89
CA LYS A 193 16.40 1.53 10.91
C LYS A 193 16.51 3.04 10.99
N ILE A 194 15.67 3.74 10.23
CA ILE A 194 15.74 5.20 10.27
C ILE A 194 15.23 5.72 11.62
N CYS A 195 14.13 5.18 12.11
CA CYS A 195 13.56 5.71 13.35
C CYS A 195 14.47 5.43 14.54
N SER A 196 15.16 4.29 14.57
CA SER A 196 15.99 3.98 15.72
C SER A 196 17.29 4.77 15.73
N THR A 197 17.88 5.02 14.55
CA THR A 197 19.20 5.64 14.47
C THR A 197 19.09 7.14 14.25
N ALA A 198 18.51 7.55 13.11
CA ALA A 198 18.37 8.98 12.84
C ALA A 198 17.46 9.68 13.84
N LEU A 199 16.31 9.09 14.14
CA LEU A 199 15.34 9.76 15.01
C LEU A 199 15.47 9.37 16.47
N GLN A 200 16.34 8.41 16.79
CA GLN A 200 16.63 8.09 18.19
CA GLN A 200 16.65 8.00 18.16
C GLN A 200 15.40 7.56 18.91
N MET A 201 14.50 6.87 18.21
CA MET A 201 13.36 6.24 18.86
C MET A 201 13.73 4.86 19.37
N ARG A 202 12.96 4.38 20.35
CA ARG A 202 13.03 2.99 20.78
C ARG A 202 12.11 2.19 19.86
N VAL A 203 12.64 1.17 19.20
CA VAL A 203 11.86 0.45 18.20
C VAL A 203 11.62 -0.97 18.67
N LEU A 204 10.36 -1.36 18.72
CA LEU A 204 9.92 -2.73 18.93
C LEU A 204 9.36 -3.26 17.63
N ALA A 205 9.50 -4.57 17.42
CA ALA A 205 8.99 -5.16 16.19
C ALA A 205 8.31 -6.48 16.51
N TYR A 206 7.13 -6.70 15.94
CA TYR A 206 6.39 -7.95 16.03
C TYR A 206 6.36 -8.59 14.66
N ASP A 207 6.85 -9.85 14.56
CA ASP A 207 6.88 -10.55 13.27
C ASP A 207 7.20 -12.01 13.58
N PRO A 208 6.21 -12.91 13.54
CA PRO A 208 6.43 -14.30 13.97
C PRO A 208 7.40 -15.08 13.11
N TYR A 209 7.83 -14.57 11.95
CA TYR A 209 8.56 -15.38 10.98
C TYR A 209 10.01 -14.95 10.81
N VAL A 210 10.55 -14.22 11.79
CA VAL A 210 11.84 -13.54 11.67
C VAL A 210 12.69 -13.86 12.89
N PRO A 211 14.01 -13.98 12.78
CA PRO A 211 14.82 -14.16 14.00
C PRO A 211 15.05 -12.85 14.71
N SER A 212 15.33 -12.94 16.01
CA SER A 212 15.59 -11.73 16.78
C SER A 212 16.78 -10.95 16.21
N GLY A 213 17.73 -11.65 15.58
CA GLY A 213 18.86 -10.96 14.98
C GLY A 213 18.48 -10.00 13.88
N LYS A 214 17.36 -10.26 13.20
CA LYS A 214 16.94 -9.33 12.16
C LYS A 214 16.52 -8.00 12.75
N ALA A 215 15.93 -7.99 13.94
CA ALA A 215 15.64 -6.72 14.60
C ALA A 215 16.93 -6.06 15.10
N ASP A 216 17.86 -6.85 15.63
CA ASP A 216 19.12 -6.28 16.11
C ASP A 216 19.83 -5.53 15.00
N THR A 217 19.77 -6.07 13.78
CA THR A 217 20.44 -5.45 12.65
C THR A 217 20.04 -3.98 12.48
N VAL A 218 18.77 -3.67 12.70
CA VAL A 218 18.27 -2.30 12.49
C VAL A 218 18.04 -1.60 13.83
N ARG A 219 18.68 -2.10 14.89
CA ARG A 219 18.63 -1.50 16.22
C ARG A 219 17.21 -1.43 16.74
N ALA A 220 16.46 -2.50 16.48
CA ALA A 220 15.14 -2.73 17.07
C ALA A 220 15.22 -3.97 17.95
N THR A 221 14.18 -4.18 18.75
CA THR A 221 14.02 -5.38 19.55
C THR A 221 12.81 -6.16 19.06
N LEU A 222 13.01 -7.44 18.80
CA LEU A 222 11.89 -8.28 18.41
C LEU A 222 11.10 -8.66 19.66
N VAL A 223 9.78 -8.63 19.56
CA VAL A 223 8.92 -9.00 20.68
C VAL A 223 7.95 -10.06 20.20
N GLN A 224 7.81 -11.14 20.97
CA GLN A 224 6.90 -12.22 20.60
C GLN A 224 5.47 -11.96 21.05
N ASP A 225 5.26 -11.04 21.99
CA ASP A 225 3.94 -10.73 22.52
C ASP A 225 3.42 -9.47 21.85
N LEU A 226 2.50 -9.61 20.91
CA LEU A 226 1.91 -8.43 20.27
C LEU A 226 1.31 -7.48 21.31
N ASP A 227 0.74 -8.03 22.40
CA ASP A 227 0.20 -7.19 23.47
C ASP A 227 1.26 -6.23 24.02
N TYR A 228 2.49 -6.71 24.18
CA TYR A 228 3.55 -5.85 24.69
C TYR A 228 3.83 -4.71 23.72
N LEU A 229 3.89 -5.01 22.42
CA LEU A 229 4.08 -3.94 21.46
C LEU A 229 2.95 -2.92 21.57
N LEU A 230 1.71 -3.38 21.72
CA LEU A 230 0.57 -2.47 21.78
C LEU A 230 0.63 -1.60 23.03
N THR A 231 0.93 -2.20 24.18
CA THR A 231 0.91 -1.40 25.41
C THR A 231 2.12 -0.49 25.51
N GLU A 232 3.22 -0.82 24.84
CA GLU A 232 4.45 -0.03 24.95
C GLU A 232 4.53 1.12 23.96
N SER A 233 3.84 1.02 22.83
CA SER A 233 4.13 1.89 21.69
C SER A 233 3.42 3.22 21.80
N ASP A 234 4.15 4.29 21.43
CA ASP A 234 3.57 5.61 21.19
C ASP A 234 3.17 5.80 19.74
N PHE A 235 3.77 5.06 18.82
CA PHE A 235 3.41 5.02 17.41
C PHE A 235 3.42 3.55 16.98
N VAL A 236 2.36 3.10 16.32
CA VAL A 236 2.28 1.74 15.78
C VAL A 236 2.16 1.87 14.27
N SER A 237 3.12 1.30 13.55
CA SER A 237 3.13 1.37 12.08
C SER A 237 3.03 -0.04 11.52
N LEU A 238 2.04 -0.25 10.65
CA LEU A 238 1.74 -1.58 10.12
C LEU A 238 2.46 -1.81 8.81
N HIS A 239 3.29 -2.85 8.75
CA HIS A 239 3.97 -3.25 7.52
C HIS A 239 3.95 -4.76 7.27
N PRO A 240 2.93 -5.52 7.68
CA PRO A 240 2.96 -6.96 7.42
C PRO A 240 2.44 -7.29 6.03
N GLU A 241 2.83 -8.48 5.56
CA GLU A 241 2.08 -9.12 4.47
C GLU A 241 0.65 -9.37 4.93
N LEU A 242 -0.30 -9.18 4.02
CA LEU A 242 -1.69 -9.51 4.32
C LEU A 242 -1.90 -11.02 4.15
N THR A 243 -2.28 -11.69 5.23
CA THR A 243 -2.55 -13.13 5.22
C THR A 243 -3.82 -13.35 6.01
N ASP A 244 -4.26 -14.62 6.11
CA ASP A 244 -5.36 -14.94 7.01
C ASP A 244 -5.03 -14.53 8.45
N GLU A 245 -3.74 -14.61 8.81
CA GLU A 245 -3.32 -14.26 10.16
C GLU A 245 -3.37 -12.75 10.40
N THR A 246 -2.97 -11.95 9.41
CA THR A 246 -2.94 -10.51 9.61
C THR A 246 -4.24 -9.83 9.20
N CYS A 247 -5.14 -10.54 8.54
CA CYS A 247 -6.43 -9.96 8.15
C CYS A 247 -7.18 -9.50 9.39
N GLU A 248 -7.47 -8.20 9.44
CA GLU A 248 -8.20 -7.58 10.55
C GLU A 248 -7.54 -7.89 11.90
N MET A 249 -6.20 -8.07 11.91
CA MET A 249 -5.55 -8.21 13.21
C MET A 249 -5.65 -6.93 14.02
N PHE A 250 -5.83 -5.77 13.38
CA PHE A 250 -6.00 -4.53 14.14
C PHE A 250 -7.49 -4.26 14.24
N ASP A 251 -8.07 -4.78 15.32
CA ASP A 251 -9.49 -4.72 15.61
C ASP A 251 -9.70 -3.99 16.93
N LEU A 252 -10.94 -3.99 17.42
CA LEU A 252 -11.26 -3.18 18.59
C LEU A 252 -10.44 -3.60 19.79
N GLU A 253 -10.20 -4.91 19.95
CA GLU A 253 -9.44 -5.37 21.09
C GLU A 253 -8.00 -4.88 21.03
N ALA A 254 -7.44 -4.80 19.81
CA ALA A 254 -6.10 -4.25 19.66
C ALA A 254 -6.05 -2.78 20.05
N PHE A 255 -7.02 -2.01 19.58
CA PHE A 255 -7.03 -0.58 19.88
C PHE A 255 -7.21 -0.32 21.36
N LYS A 256 -7.97 -1.17 22.04
CA LYS A 256 -8.14 -1.02 23.48
C LYS A 256 -6.81 -1.15 24.21
N LYS A 257 -5.93 -2.04 23.73
CA LYS A 257 -4.65 -2.25 24.40
C LYS A 257 -3.67 -1.12 24.12
N MET A 258 -3.80 -0.45 22.97
CA MET A 258 -2.91 0.64 22.66
C MET A 258 -3.06 1.77 23.68
N LYS A 259 -2.00 2.54 23.83
CA LYS A 259 -2.06 3.74 24.66
C LYS A 259 -3.10 4.70 24.10
N PRO A 260 -3.93 5.33 24.95
CA PRO A 260 -4.80 6.41 24.46
C PRO A 260 -4.04 7.53 23.74
N SER A 261 -2.78 7.75 24.07
CA SER A 261 -1.97 8.81 23.45
C SER A 261 -1.33 8.37 22.14
N ALA A 262 -1.48 7.11 21.74
CA ALA A 262 -0.73 6.58 20.62
C ALA A 262 -1.45 6.80 19.29
N PHE A 263 -0.67 6.70 18.23
CA PHE A 263 -1.12 6.88 16.86
C PHE A 263 -0.89 5.58 16.07
N LEU A 264 -1.79 5.33 15.13
CA LEU A 264 -1.70 4.20 14.21
C LEU A 264 -1.34 4.70 12.83
N ILE A 265 -0.38 4.05 12.17
CA ILE A 265 -0.04 4.36 10.79
C ILE A 265 -0.25 3.10 9.96
N ASN A 266 -0.98 3.20 8.85
CA ASN A 266 -1.13 2.02 7.99
C ASN A 266 -0.83 2.35 6.54
N THR A 267 0.32 1.85 6.07
CA THR A 267 0.70 1.87 4.67
C THR A 267 0.76 0.46 4.08
N SER A 268 0.27 -0.54 4.80
CA SER A 268 0.41 -1.92 4.33
C SER A 268 -0.75 -2.31 3.41
N ARG A 269 -1.81 -2.88 3.97
CA ARG A 269 -3.01 -3.20 3.20
C ARG A 269 -4.22 -2.84 4.04
N GLY A 270 -5.28 -2.37 3.38
CA GLY A 270 -6.47 -1.97 4.12
C GLY A 270 -7.06 -3.09 4.98
N LYS A 271 -6.97 -4.34 4.51
CA LYS A 271 -7.62 -5.43 5.22
C LYS A 271 -6.91 -5.79 6.54
N VAL A 272 -5.71 -5.26 6.78
CA VAL A 272 -5.06 -5.47 8.07
C VAL A 272 -5.84 -4.82 9.20
N VAL A 273 -6.61 -3.78 8.91
CA VAL A 273 -7.39 -3.07 9.92
C VAL A 273 -8.87 -3.35 9.69
N ARG A 274 -9.60 -3.58 10.77
CA ARG A 274 -11.06 -3.71 10.69
C ARG A 274 -11.65 -2.32 10.78
N GLN A 275 -12.06 -1.75 9.64
CA GLN A 275 -12.38 -0.33 9.56
C GLN A 275 -13.44 0.12 10.57
N PRO A 276 -14.56 -0.59 10.78
CA PRO A 276 -15.50 -0.10 11.80
C PRO A 276 -14.88 0.03 13.18
N ASP A 277 -13.90 -0.83 13.52
CA ASP A 277 -13.29 -0.73 14.84
C ASP A 277 -12.36 0.47 14.95
N LEU A 278 -11.68 0.82 13.86
CA LEU A 278 -10.88 2.05 13.86
C LEU A 278 -11.76 3.28 14.01
N VAL A 279 -12.95 3.27 13.39
CA VAL A 279 -13.89 4.36 13.59
C VAL A 279 -14.26 4.47 15.06
N THR A 280 -14.67 3.36 15.67
CA THR A 280 -14.96 3.34 17.11
C THR A 280 -13.79 3.85 17.92
N ALA A 281 -12.59 3.31 17.63
CA ALA A 281 -11.41 3.67 18.40
C ALA A 281 -11.12 5.16 18.31
N ILE A 282 -11.27 5.74 17.11
CA ILE A 282 -11.02 7.17 16.98
C ILE A 282 -12.10 7.97 17.70
N ARG A 283 -13.37 7.61 17.45
CA ARG A 283 -14.46 8.37 18.05
C ARG A 283 -14.41 8.27 19.58
N GLU A 284 -14.17 7.08 20.11
CA GLU A 284 -14.16 6.89 21.56
C GLU A 284 -12.82 7.22 22.21
N LYS A 285 -11.86 7.74 21.44
CA LYS A 285 -10.57 8.20 21.95
C LYS A 285 -9.75 7.06 22.57
N LEU A 286 -9.95 5.84 22.07
CA LEU A 286 -9.08 4.73 22.47
C LEU A 286 -7.66 4.94 21.99
N ILE A 287 -7.48 5.63 20.86
CA ILE A 287 -6.17 6.06 20.35
C ILE A 287 -6.28 7.52 19.94
N ALA A 288 -5.12 8.14 19.71
CA ALA A 288 -5.06 9.59 19.53
C ALA A 288 -5.22 10.03 18.08
N GLY A 289 -4.99 9.15 17.12
CA GLY A 289 -5.07 9.56 15.73
C GLY A 289 -4.56 8.46 14.83
N ALA A 290 -4.62 8.74 13.53
CA ALA A 290 -4.17 7.72 12.59
C ALA A 290 -3.79 8.39 11.28
N ALA A 291 -2.91 7.71 10.54
CA ALA A 291 -2.51 8.10 9.20
C ALA A 291 -2.67 6.88 8.31
N ILE A 292 -3.45 7.02 7.24
CA ILE A 292 -3.94 5.89 6.47
C ILE A 292 -3.63 6.13 5.00
N ASP A 293 -2.89 5.21 4.39
CA ASP A 293 -2.66 5.26 2.94
C ASP A 293 -3.41 4.17 2.21
N VAL A 294 -3.92 3.17 2.91
CA VAL A 294 -4.51 2.00 2.28
C VAL A 294 -5.89 1.76 2.89
N PHE A 295 -6.80 1.25 2.06
CA PHE A 295 -8.21 1.25 2.39
C PHE A 295 -8.81 -0.14 2.20
N GLU A 296 -9.93 -0.37 2.88
CA GLU A 296 -10.75 -1.52 2.59
C GLU A 296 -12.20 -1.07 2.65
N PRO A 297 -12.92 -1.06 1.50
CA PRO A 297 -12.40 -1.45 0.18
C PRO A 297 -11.57 -0.38 -0.54
N GLU A 298 -10.87 -0.81 -1.61
CA GLU A 298 -10.14 0.09 -2.51
C GLU A 298 -10.82 0.08 -3.86
N PRO A 299 -11.25 1.23 -4.40
CA PRO A 299 -11.18 2.56 -3.79
C PRO A 299 -12.22 2.71 -2.69
N PRO A 300 -12.00 3.63 -1.76
CA PRO A 300 -12.97 3.86 -0.70
C PRO A 300 -14.20 4.58 -1.22
N ALA A 301 -15.32 4.37 -0.54
CA ALA A 301 -16.54 5.12 -0.84
C ALA A 301 -16.40 6.58 -0.41
N ILE A 302 -17.18 7.46 -1.05
CA ILE A 302 -17.05 8.88 -0.79
C ILE A 302 -17.63 9.32 0.55
N ASN A 303 -18.39 8.45 1.21
CA ASN A 303 -18.96 8.73 2.51
C ASN A 303 -18.30 7.90 3.59
N ASN A 304 -17.04 7.57 3.41
CA ASN A 304 -16.33 6.75 4.38
C ASN A 304 -16.42 7.41 5.76
N PRO A 305 -16.84 6.66 6.79
CA PRO A 305 -17.04 7.30 8.11
C PRO A 305 -15.76 7.84 8.75
N LEU A 306 -14.58 7.38 8.32
CA LEU A 306 -13.34 7.92 8.87
C LEU A 306 -13.07 9.37 8.47
N TYR A 307 -13.64 9.83 7.35
CA TYR A 307 -13.28 11.14 6.81
C TYR A 307 -13.60 12.24 7.79
N GLU A 308 -14.58 12.02 8.67
CA GLU A 308 -15.09 13.06 9.56
C GLU A 308 -14.03 13.54 10.56
N PHE A 309 -13.06 12.70 10.90
CA PHE A 309 -12.21 12.93 12.06
C PHE A 309 -10.97 13.71 11.66
N ASP A 310 -10.76 14.86 12.31
CA ASP A 310 -9.62 15.70 11.94
CA ASP A 310 -9.62 15.70 11.95
C ASP A 310 -8.29 15.07 12.36
N ASN A 311 -8.29 14.12 13.31
CA ASN A 311 -7.05 13.47 13.72
C ASN A 311 -6.76 12.20 12.94
N VAL A 312 -7.47 11.95 11.83
CA VAL A 312 -7.12 10.91 10.88
C VAL A 312 -6.71 11.59 9.58
N ILE A 313 -5.54 11.24 9.06
CA ILE A 313 -5.05 11.85 7.84
C ILE A 313 -4.89 10.76 6.79
N PHE A 314 -5.03 11.14 5.53
CA PHE A 314 -5.15 10.18 4.44
C PHE A 314 -4.24 10.55 3.29
N SER A 315 -3.76 9.53 2.60
CA SER A 315 -3.24 9.63 1.25
C SER A 315 -3.88 8.55 0.39
N PRO A 316 -4.07 8.81 -0.92
CA PRO A 316 -4.85 7.87 -1.78
C PRO A 316 -4.04 6.71 -2.35
N HIS A 317 -3.56 5.83 -1.46
CA HIS A 317 -2.73 4.69 -1.86
C HIS A 317 -1.59 5.13 -2.78
N LEU A 318 -0.78 6.07 -2.27
CA LEU A 318 0.34 6.62 -3.03
C LEU A 318 1.70 6.39 -2.39
N ALA A 319 1.77 5.70 -1.24
CA ALA A 319 3.05 5.53 -0.55
C ALA A 319 4.08 4.89 -1.45
N GLY A 320 3.66 3.96 -2.31
CA GLY A 320 4.57 3.26 -3.21
C GLY A 320 4.70 3.88 -4.58
N VAL A 321 4.20 5.10 -4.79
CA VAL A 321 4.10 5.64 -6.15
C VAL A 321 4.84 6.97 -6.29
N THR A 322 6.12 6.95 -6.10
CA THR A 322 6.94 8.06 -6.56
C THR A 322 7.30 7.86 -8.02
N PRO A 323 7.81 8.88 -8.71
CA PRO A 323 8.27 8.66 -10.08
C PRO A 323 9.29 7.54 -10.19
N GLU A 324 10.22 7.46 -9.24
CA GLU A 324 11.27 6.44 -9.29
C GLU A 324 10.70 5.04 -9.10
N ALA A 325 9.81 4.87 -8.12
CA ALA A 325 9.15 3.59 -7.94
C ALA A 325 8.24 3.28 -9.13
N GLY A 326 7.59 4.31 -9.67
CA GLY A 326 6.72 4.10 -10.81
C GLY A 326 7.48 3.66 -12.05
N MET A 327 8.64 4.25 -12.30
CA MET A 327 9.45 3.82 -13.43
C MET A 327 9.88 2.36 -13.30
N ALA A 328 10.32 1.97 -12.10
CA ALA A 328 10.71 0.57 -11.89
C ALA A 328 9.53 -0.38 -12.11
N ALA A 329 8.36 -0.03 -11.59
CA ALA A 329 7.19 -0.89 -11.75
C ALA A 329 6.73 -0.93 -13.21
N ALA A 330 6.82 0.20 -13.90
CA ALA A 330 6.38 0.24 -15.29
C ALA A 330 7.32 -0.56 -16.19
N LEU A 331 8.62 -0.48 -15.93
CA LEU A 331 9.55 -1.32 -16.67
C LEU A 331 9.31 -2.80 -16.39
N SER A 332 9.06 -3.15 -15.13
CA SER A 332 8.82 -4.53 -14.78
C SER A 332 7.54 -5.04 -15.45
N ALA A 333 6.48 -4.21 -15.46
CA ALA A 333 5.23 -4.65 -16.09
C ALA A 333 5.41 -4.81 -17.59
N ALA A 334 6.05 -3.83 -18.24
CA ALA A 334 6.30 -3.92 -19.68
C ALA A 334 7.14 -5.13 -20.02
N ASN A 335 8.23 -5.36 -19.28
CA ASN A 335 9.10 -6.51 -19.50
C ASN A 335 8.34 -7.82 -19.41
N GLN A 336 7.51 -7.98 -18.38
CA GLN A 336 6.87 -9.27 -18.17
C GLN A 336 5.83 -9.56 -19.23
N ILE A 337 5.13 -8.52 -19.70
CA ILE A 337 4.21 -8.69 -20.81
C ILE A 337 4.95 -9.19 -22.04
N LEU A 338 6.03 -8.48 -22.42
CA LEU A 338 6.82 -8.88 -23.58
C LEU A 338 7.38 -10.29 -23.43
N GLN A 339 7.82 -10.64 -22.21
CA GLN A 339 8.32 -11.99 -21.95
C GLN A 339 7.27 -13.05 -22.28
N VAL A 340 6.04 -12.89 -21.77
CA VAL A 340 5.01 -13.88 -22.05
C VAL A 340 4.74 -13.96 -23.55
N LEU A 341 4.67 -12.81 -24.22
CA LEU A 341 4.37 -12.82 -25.65
C LEU A 341 5.44 -13.53 -26.46
N GLN A 342 6.66 -13.62 -25.93
CA GLN A 342 7.75 -14.34 -26.56
C GLN A 342 7.97 -15.71 -25.95
N GLY A 343 6.99 -16.21 -25.19
CA GLY A 343 7.09 -17.52 -24.58
C GLY A 343 8.19 -17.68 -23.55
N GLU A 344 8.57 -16.61 -22.85
CA GLU A 344 9.54 -16.67 -21.77
C GLU A 344 8.82 -16.48 -20.44
N LYS A 345 9.16 -17.32 -19.46
CA LYS A 345 8.48 -17.29 -18.17
C LYS A 345 8.85 -16.02 -17.42
N PRO A 346 7.88 -15.21 -16.99
CA PRO A 346 8.20 -13.99 -16.25
C PRO A 346 8.40 -14.28 -14.78
N PRO A 347 9.09 -13.39 -14.05
CA PRO A 347 9.42 -13.68 -12.64
C PRO A 347 8.23 -13.69 -11.68
N TYR A 348 7.13 -13.00 -12.00
CA TYR A 348 6.14 -12.76 -10.96
C TYR A 348 4.76 -13.29 -11.34
N ILE A 349 4.71 -14.55 -11.77
CA ILE A 349 3.43 -15.15 -12.10
C ILE A 349 2.63 -15.37 -10.83
N ILE A 350 1.37 -14.95 -10.85
CA ILE A 350 0.48 -15.10 -9.71
C ILE A 350 -0.27 -16.43 -9.76
N ASN A 351 -0.43 -17.02 -10.94
CA ASN A 351 -1.18 -18.26 -11.11
C ASN A 351 -0.30 -19.26 -11.85
N PRO A 352 0.81 -19.69 -11.22
CA PRO A 352 1.84 -20.44 -11.96
C PRO A 352 1.36 -21.76 -12.58
N LYS A 353 0.19 -22.26 -12.20
CA LYS A 353 -0.29 -23.52 -12.74
C LYS A 353 -0.75 -23.41 -14.20
N VAL A 354 -0.88 -22.20 -14.75
CA VAL A 354 -1.23 -22.10 -16.16
C VAL A 354 0.00 -22.25 -17.05
N TRP A 355 1.20 -22.13 -16.49
CA TRP A 355 2.43 -22.14 -17.29
C TRP A 355 2.91 -23.55 -17.58
C1 LMR B . -0.22 -0.42 -7.14
O1A LMR B . -0.40 -0.06 -8.33
O1B LMR B . -0.64 -1.57 -6.81
C2 LMR B . 0.55 0.63 -6.30
O2 LMR B . -0.27 1.75 -6.09
C3 LMR B . 1.31 0.30 -5.01
C4 LMR B . 1.13 -1.12 -4.49
O4A LMR B . 0.30 -1.33 -3.55
O4B LMR B . 1.84 -2.05 -4.96
PA NAD C . 7.64 -8.09 3.03
O1A NAD C . 7.17 -9.37 2.39
O2A NAD C . 9.09 -7.77 2.75
O5B NAD C . 7.46 -8.20 4.67
C5B NAD C . 6.22 -8.50 5.17
C4B NAD C . 6.44 -8.98 6.60
O4B NAD C . 5.23 -9.31 7.09
C3B NAD C . 7.35 -10.23 6.58
O3B NAD C . 8.50 -10.10 7.31
C2B NAD C . 6.40 -11.28 7.20
O2B NAD C . 7.08 -12.24 8.10
C1B NAD C . 5.53 -10.33 8.01
N9A NAD C . 4.42 -10.99 8.61
C8A NAD C . 3.81 -12.04 8.10
N7A NAD C . 2.85 -12.42 8.97
C5A NAD C . 2.92 -11.58 10.03
C6A NAD C . 2.20 -11.50 11.19
N6A NAD C . 1.11 -12.35 11.61
N1A NAD C . 2.48 -10.56 12.07
C2A NAD C . 3.48 -9.66 11.83
N3A NAD C . 4.19 -9.74 10.69
C4A NAD C . 3.89 -10.71 9.80
O3 NAD C . 6.61 -6.94 2.48
PN NAD C . 7.02 -5.34 2.30
O1N NAD C . 7.63 -5.21 0.94
O2N NAD C . 7.93 -4.90 3.43
O5D NAD C . 5.60 -4.52 2.35
C5D NAD C . 4.98 -4.30 3.57
C4D NAD C . 3.52 -4.04 3.36
O4D NAD C . 3.36 -2.93 2.65
C3D NAD C . 2.86 -5.28 2.51
O3D NAD C . 1.46 -5.49 2.96
C2D NAD C . 2.90 -4.70 1.10
O2D NAD C . 1.90 -5.35 0.20
C1D NAD C . 2.51 -3.20 1.45
N1N NAD C . 2.83 -2.32 0.46
C2N NAD C . 2.11 -1.18 0.30
C3N NAD C . 2.43 -0.26 -0.68
C7N NAD C . 1.60 1.03 -0.81
O7N NAD C . 1.61 1.71 -1.82
N7N NAD C . 0.82 1.49 0.32
C4N NAD C . 3.52 -0.48 -1.49
C5N NAD C . 4.27 -1.61 -1.32
C6N NAD C . 3.93 -2.54 -0.33
#